data_9NNI
#
_entry.id   9NNI
#
_cell.length_a   58.463
_cell.length_b   63.777
_cell.length_c   124.214
_cell.angle_alpha   90.00
_cell.angle_beta   90.00
_cell.angle_gamma   90.00
#
_symmetry.space_group_name_H-M   'P 21 21 21'
#
loop_
_entity.id
_entity.type
_entity.pdbx_description
1 polymer 'Cholesterol 24-hydroxylase'
2 non-polymer 'PROTOPORPHYRIN IX CONTAINING FE'
3 non-polymer cyclopropyl[(4M)-4-(1,3-oxazol-5-yl)-6-(trifluoromethyl)-1H-indol-1-yl]methanone
4 non-polymer 1,2-ETHANEDIOL
5 water water
#
_entity_poly.entity_id   1
_entity_poly.type   'polypeptide(L)'
_entity_poly.pdbx_seq_one_letter_code
;MHHHHHHSRYEHIPGPPRPSFLLGHLPCFWKKDEVGGRVLQDVFLDWAKKYGPVVRVNVFHKTSVIVTSPESVKKFLMST
KYNKDSKMYRALQTVFGERLFGQGLVSECNYERWHKQRRVIDLAFSRSSLVSLMETFNEKAEQLVEILEAKADGQTPVSM
QDMLTYTAMDILAKAAFGMETSMLLGAQKPLSQAVKLMLEGITASRNTLAKFLPGKRKQLREVRESIRFLRQVGRDWVQR
RREALKRGEEVPADILTQILKAEEGAQDDEGLLDNFVTFFIAGHETSANHLAFTVMELSRQPEIVARLQAEVDEVIGSKR
YLDFEDLGRLQYLSQVLKESLRLYPPAWGTFRLLEEETLIDGVRVPGNTPLLFSTYVMGRMDTYFEDPLTFNPDRFGPGA
PKPRFTYFPFSLGHRSCIGQQFAQMEVKVVMAKLLQRLEFRLVPGQRFGLQEQATLKPLDPVLCTLRPRGWQPA
;
_entity_poly.pdbx_strand_id   A
#
loop_
_chem_comp.id
_chem_comp.type
_chem_comp.name
_chem_comp.formula
A1BZC non-polymer cyclopropyl[(4M)-4-(1,3-oxazol-5-yl)-6-(trifluoromethyl)-1H-indol-1-yl]methanone 'C16 H11 F3 N2 O2'
EDO non-polymer 1,2-ETHANEDIOL 'C2 H6 O2'
HEM non-polymer 'PROTOPORPHYRIN IX CONTAINING FE' 'C34 H32 Fe N4 O4'
#
# COMPACT_ATOMS: atom_id res chain seq x y z
N SER A 8 -1.08 6.26 -34.18
CA SER A 8 0.01 6.12 -35.20
C SER A 8 1.33 6.64 -34.64
N ARG A 9 1.27 7.64 -33.74
CA ARG A 9 2.48 8.29 -33.26
C ARG A 9 3.30 7.31 -32.40
N TYR A 10 2.69 6.18 -32.01
CA TYR A 10 3.31 5.21 -31.12
C TYR A 10 3.56 3.87 -31.81
N GLU A 11 3.15 3.74 -33.09
CA GLU A 11 3.10 2.43 -33.74
C GLU A 11 4.50 1.83 -33.91
N HIS A 12 5.54 2.67 -33.94
CA HIS A 12 6.91 2.22 -34.15
C HIS A 12 7.49 1.62 -32.86
N ILE A 13 6.85 1.87 -31.71
CA ILE A 13 7.37 1.38 -30.44
C ILE A 13 7.08 -0.11 -30.33
N PRO A 14 8.05 -0.95 -29.86
CA PRO A 14 7.82 -2.38 -29.66
C PRO A 14 6.57 -2.65 -28.81
N GLY A 15 5.80 -3.66 -29.20
CA GLY A 15 4.64 -4.04 -28.42
C GLY A 15 3.70 -4.99 -29.15
N PRO A 16 2.56 -5.37 -28.53
CA PRO A 16 1.62 -6.31 -29.13
C PRO A 16 0.74 -5.65 -30.19
N PRO A 17 0.41 -6.37 -31.30
CA PRO A 17 -0.42 -5.82 -32.37
C PRO A 17 -1.93 -5.96 -32.06
N GLY A 37 -6.49 -16.05 -10.92
CA GLY A 37 -5.84 -14.99 -10.15
C GLY A 37 -4.74 -14.29 -10.95
N ARG A 38 -4.98 -14.11 -12.25
CA ARG A 38 -4.08 -13.41 -13.15
C ARG A 38 -4.57 -11.99 -13.38
N VAL A 39 -3.63 -11.05 -13.51
CA VAL A 39 -3.97 -9.63 -13.54
C VAL A 39 -3.30 -8.96 -14.75
N LEU A 40 -3.71 -7.72 -15.02
CA LEU A 40 -3.19 -6.94 -16.14
C LEU A 40 -1.67 -6.81 -16.03
N GLN A 41 -1.17 -6.68 -14.80
CA GLN A 41 0.27 -6.57 -14.56
C GLN A 41 1.01 -7.80 -15.09
N ASP A 42 0.35 -8.96 -15.11
CA ASP A 42 0.99 -10.18 -15.62
C ASP A 42 1.12 -10.12 -17.15
N VAL A 43 0.15 -9.47 -17.78
CA VAL A 43 0.18 -9.28 -19.23
C VAL A 43 1.36 -8.37 -19.55
N PHE A 44 1.51 -7.30 -18.75
CA PHE A 44 2.58 -6.34 -18.93
C PHE A 44 3.93 -7.01 -18.76
N LEU A 45 4.03 -7.92 -17.78
CA LEU A 45 5.25 -8.68 -17.54
C LEU A 45 5.63 -9.50 -18.77
N ASP A 46 4.64 -10.20 -19.36
CA ASP A 46 4.87 -11.02 -20.52
C ASP A 46 5.36 -10.16 -21.69
N TRP A 47 4.77 -8.97 -21.83
CA TRP A 47 5.14 -8.08 -22.93
C TRP A 47 6.54 -7.51 -22.71
N ALA A 48 6.89 -7.17 -21.46
CA ALA A 48 8.22 -6.65 -21.17
C ALA A 48 9.27 -7.71 -21.50
N LYS A 49 8.98 -8.97 -21.17
CA LYS A 49 9.89 -10.08 -21.44
C LYS A 49 10.04 -10.28 -22.95
N LYS A 50 8.93 -10.16 -23.68
CA LYS A 50 8.91 -10.44 -25.11
C LYS A 50 9.49 -9.27 -25.90
N TYR A 51 9.11 -8.03 -25.53
CA TYR A 51 9.28 -6.89 -26.43
C TYR A 51 10.38 -5.94 -25.96
N GLY A 52 10.87 -6.12 -24.73
CA GLY A 52 12.05 -5.40 -24.28
C GLY A 52 11.75 -4.31 -23.24
N PRO A 53 12.74 -3.42 -22.96
CA PRO A 53 12.61 -2.43 -21.89
C PRO A 53 11.68 -1.23 -22.12
N VAL A 54 11.19 -1.06 -23.36
CA VAL A 54 10.29 0.04 -23.68
C VAL A 54 9.16 -0.50 -24.54
N VAL A 55 7.94 -0.57 -23.97
CA VAL A 55 6.84 -1.26 -24.63
C VAL A 55 5.56 -0.41 -24.61
N ARG A 56 4.90 -0.32 -25.77
CA ARG A 56 3.63 0.38 -25.87
C ARG A 56 2.52 -0.50 -25.33
N VAL A 57 1.67 0.11 -24.49
CA VAL A 57 0.55 -0.60 -23.86
C VAL A 57 -0.64 0.36 -23.76
N ASN A 58 -1.82 -0.20 -23.53
CA ASN A 58 -2.99 0.61 -23.22
C ASN A 58 -3.31 0.43 -21.74
N VAL A 59 -3.26 1.53 -20.99
CA VAL A 59 -3.57 1.49 -19.57
C VAL A 59 -4.36 2.74 -19.20
N PHE A 60 -5.45 2.54 -18.44
CA PHE A 60 -6.35 3.61 -18.03
C PHE A 60 -6.85 4.37 -19.26
N HIS A 61 -7.17 3.63 -20.32
CA HIS A 61 -7.78 4.13 -21.55
C HIS A 61 -6.80 4.99 -22.35
N LYS A 62 -5.52 5.00 -21.94
CA LYS A 62 -4.55 5.83 -22.61
C LYS A 62 -3.38 4.98 -23.11
N THR A 63 -2.79 5.39 -24.24
CA THR A 63 -1.56 4.76 -24.69
C THR A 63 -0.43 5.22 -23.77
N SER A 64 0.26 4.23 -23.19
CA SER A 64 1.39 4.48 -22.33
C SER A 64 2.56 3.61 -22.79
N VAL A 65 3.74 3.91 -22.24
CA VAL A 65 4.95 3.15 -22.52
C VAL A 65 5.47 2.62 -21.19
N ILE A 66 5.55 1.30 -21.08
CA ILE A 66 6.12 0.70 -19.87
C ILE A 66 7.64 0.62 -20.04
N VAL A 67 8.34 1.20 -19.06
CA VAL A 67 9.78 1.35 -19.07
CA VAL A 67 9.78 1.30 -19.10
C VAL A 67 10.35 0.50 -17.93
N THR A 68 11.18 -0.50 -18.28
CA THR A 68 11.58 -1.50 -17.29
C THR A 68 13.10 -1.68 -17.20
N SER A 69 13.90 -0.76 -17.75
CA SER A 69 15.32 -0.82 -17.47
C SER A 69 15.62 -0.06 -16.18
N PRO A 70 16.57 -0.52 -15.33
CA PRO A 70 16.98 0.23 -14.15
C PRO A 70 17.56 1.61 -14.48
N GLU A 71 18.23 1.73 -15.64
CA GLU A 71 18.74 3.01 -16.10
C GLU A 71 17.60 4.02 -16.23
N SER A 72 16.44 3.56 -16.71
CA SER A 72 15.30 4.43 -16.89
C SER A 72 14.63 4.74 -15.55
N VAL A 73 14.49 3.71 -14.70
CA VAL A 73 13.94 3.91 -13.37
C VAL A 73 14.72 5.04 -12.67
N LYS A 74 16.05 4.96 -12.73
CA LYS A 74 16.91 5.94 -12.09
C LYS A 74 16.70 7.33 -12.70
N LYS A 75 16.72 7.40 -14.04
CA LYS A 75 16.64 8.68 -14.72
C LYS A 75 15.36 9.43 -14.35
N PHE A 76 14.22 8.71 -14.41
CA PHE A 76 12.93 9.37 -14.36
C PHE A 76 12.42 9.55 -12.93
N LEU A 77 12.72 8.59 -12.05
CA LEU A 77 12.14 8.64 -10.71
C LEU A 77 12.97 9.51 -9.77
N MET A 78 14.28 9.63 -10.07
CA MET A 78 15.18 10.29 -9.13
C MET A 78 15.41 11.76 -9.52
N SER A 79 14.50 12.35 -10.28
CA SER A 79 14.66 13.73 -10.73
C SER A 79 13.36 14.51 -10.54
N THR A 80 13.46 15.73 -9.99
CA THR A 80 12.31 16.61 -9.86
C THR A 80 11.91 17.18 -11.23
N LYS A 81 12.71 16.88 -12.27
CA LYS A 81 12.45 17.32 -13.62
C LYS A 81 11.24 16.58 -14.20
N TYR A 82 10.99 15.37 -13.70
CA TYR A 82 9.90 14.54 -14.19
C TYR A 82 8.81 14.50 -13.13
N ASN A 83 7.59 14.86 -13.55
CA ASN A 83 6.45 14.95 -12.65
C ASN A 83 5.43 13.87 -13.01
N LYS A 84 4.49 13.60 -12.09
CA LYS A 84 3.44 12.63 -12.37
C LYS A 84 2.58 13.10 -13.53
N ASP A 85 2.05 12.13 -14.30
CA ASP A 85 1.14 12.41 -15.39
C ASP A 85 -0.29 12.45 -14.86
N SER A 86 -0.88 13.65 -14.83
CA SER A 86 -2.16 13.89 -14.19
C SER A 86 -3.26 13.03 -14.82
N LYS A 87 -3.15 12.78 -16.13
CA LYS A 87 -4.16 12.00 -16.84
C LYS A 87 -4.26 10.60 -16.26
N MET A 88 -3.17 10.13 -15.64
CA MET A 88 -3.12 8.75 -15.17
C MET A 88 -3.58 8.67 -13.72
N TYR A 89 -3.96 9.82 -13.14
CA TYR A 89 -4.41 9.89 -11.75
C TYR A 89 -5.86 10.39 -11.67
N ARG A 90 -6.52 10.49 -12.82
CA ARG A 90 -7.86 11.06 -12.89
C ARG A 90 -8.84 10.22 -12.08
N ALA A 91 -8.68 8.89 -12.12
CA ALA A 91 -9.60 7.97 -11.47
C ALA A 91 -9.43 7.99 -9.95
N LEU A 92 -8.32 8.56 -9.46
CA LEU A 92 -8.17 8.82 -8.04
C LEU A 92 -8.77 10.18 -7.67
N GLN A 93 -8.69 11.14 -8.59
CA GLN A 93 -9.16 12.49 -8.32
C GLN A 93 -10.68 12.49 -8.19
N THR A 94 -11.35 11.90 -9.18
CA THR A 94 -12.80 11.93 -9.29
C THR A 94 -13.27 10.62 -9.90
N VAL A 95 -14.40 10.09 -9.37
CA VAL A 95 -15.01 8.89 -9.89
C VAL A 95 -16.50 9.17 -10.13
N PHE A 96 -16.94 8.95 -11.38
CA PHE A 96 -18.34 9.13 -11.78
C PHE A 96 -18.88 10.46 -11.28
N GLY A 97 -18.06 11.52 -11.39
CA GLY A 97 -18.50 12.87 -11.08
C GLY A 97 -18.50 13.18 -9.57
N GLU A 98 -17.92 12.27 -8.78
CA GLU A 98 -17.77 12.48 -7.34
C GLU A 98 -16.30 12.62 -6.99
N ARG A 99 -15.93 13.81 -6.47
CA ARG A 99 -14.57 14.09 -6.03
C ARG A 99 -14.18 13.08 -4.97
N LEU A 100 -12.99 12.47 -5.13
CA LEU A 100 -12.54 11.39 -4.26
C LEU A 100 -11.27 11.80 -3.52
N PHE A 101 -10.10 11.58 -4.14
CA PHE A 101 -8.83 12.02 -3.57
C PHE A 101 -8.53 13.46 -4.00
N GLY A 102 -9.25 13.94 -5.02
CA GLY A 102 -9.07 15.30 -5.52
C GLY A 102 -7.60 15.61 -5.75
N GLN A 103 -7.13 16.71 -5.14
CA GLN A 103 -5.75 17.15 -5.31
C GLN A 103 -4.96 16.89 -4.04
N GLY A 104 -5.25 15.77 -3.38
CA GLY A 104 -4.50 15.30 -2.22
C GLY A 104 -3.09 14.87 -2.58
N LEU A 105 -2.37 14.33 -1.59
CA LEU A 105 -0.92 14.17 -1.71
C LEU A 105 -0.52 13.17 -2.79
N VAL A 106 -1.34 12.12 -3.01
CA VAL A 106 -1.04 11.10 -4.00
C VAL A 106 -1.32 11.63 -5.39
N SER A 107 -2.41 12.38 -5.53
CA SER A 107 -2.99 12.63 -6.85
C SER A 107 -2.68 14.05 -7.36
N GLU A 108 -2.06 14.88 -6.52
CA GLU A 108 -1.61 16.19 -6.97
C GLU A 108 -0.37 16.04 -7.85
N CYS A 109 -0.42 16.59 -9.06
CA CYS A 109 0.64 16.37 -10.04
C CYS A 109 1.41 17.64 -10.37
N ASN A 110 0.95 18.78 -9.85
CA ASN A 110 1.72 20.02 -9.95
C ASN A 110 2.78 20.02 -8.85
N TYR A 111 4.05 20.15 -9.26
CA TYR A 111 5.18 20.05 -8.36
C TYR A 111 5.05 21.02 -7.18
N GLU A 112 4.79 22.29 -7.47
CA GLU A 112 4.82 23.32 -6.44
C GLU A 112 3.68 23.13 -5.43
N ARG A 113 2.50 22.72 -5.94
CA ARG A 113 1.35 22.46 -5.09
C ARG A 113 1.61 21.22 -4.23
N TRP A 114 2.23 20.21 -4.83
CA TRP A 114 2.57 18.99 -4.10
C TRP A 114 3.61 19.29 -3.02
N HIS A 115 4.65 20.06 -3.38
CA HIS A 115 5.81 20.27 -2.52
C HIS A 115 5.39 20.99 -1.25
N LYS A 116 4.47 21.95 -1.39
CA LYS A 116 3.95 22.75 -0.29
C LYS A 116 3.31 21.82 0.75
N GLN A 117 2.42 20.95 0.29
CA GLN A 117 1.67 20.10 1.22
C GLN A 117 2.57 18.99 1.76
N ARG A 118 3.50 18.50 0.92
CA ARG A 118 4.39 17.42 1.33
C ARG A 118 5.22 17.85 2.52
N ARG A 119 5.79 19.06 2.46
CA ARG A 119 6.70 19.54 3.50
C ARG A 119 5.98 19.71 4.84
N VAL A 120 4.71 20.13 4.80
CA VAL A 120 3.94 20.31 6.03
C VAL A 120 3.57 18.94 6.63
N ILE A 121 3.10 18.02 5.78
CA ILE A 121 2.59 16.75 6.27
C ILE A 121 3.75 15.86 6.74
N ASP A 122 4.95 16.08 6.18
CA ASP A 122 6.17 15.37 6.55
C ASP A 122 6.41 15.39 8.07
N LEU A 123 6.00 16.47 8.75
CA LEU A 123 6.28 16.66 10.15
C LEU A 123 5.64 15.54 10.98
N ALA A 124 4.52 15.00 10.49
CA ALA A 124 3.77 13.97 11.22
C ALA A 124 4.42 12.60 11.04
N PHE A 125 5.42 12.52 10.15
CA PHE A 125 6.13 11.28 9.88
C PHE A 125 7.58 11.35 10.34
N SER A 126 7.88 12.31 11.22
CA SER A 126 9.21 12.40 11.81
C SER A 126 9.46 11.16 12.68
N ARG A 127 10.74 10.88 12.92
CA ARG A 127 11.16 9.78 13.80
C ARG A 127 10.36 9.84 15.10
N SER A 128 10.37 11.01 15.75
CA SER A 128 9.73 11.18 17.06
C SER A 128 8.22 10.98 16.98
N SER A 129 7.60 11.44 15.88
CA SER A 129 6.17 11.28 15.66
C SER A 129 5.82 9.80 15.59
N LEU A 130 6.63 9.04 14.83
CA LEU A 130 6.35 7.64 14.56
C LEU A 130 6.61 6.79 15.81
N VAL A 131 7.65 7.13 16.57
CA VAL A 131 7.96 6.41 17.80
C VAL A 131 6.77 6.46 18.75
N SER A 132 6.05 7.59 18.76
CA SER A 132 4.93 7.74 19.69
C SER A 132 3.73 6.87 19.28
N LEU A 133 3.75 6.32 18.06
CA LEU A 133 2.62 5.56 17.54
C LEU A 133 2.73 4.09 17.94
N MET A 134 3.83 3.71 18.58
CA MET A 134 4.08 2.31 18.91
C MET A 134 3.00 1.77 19.85
N GLU A 135 2.45 2.64 20.70
CA GLU A 135 1.40 2.22 21.63
C GLU A 135 0.17 1.78 20.85
N THR A 136 -0.24 2.57 19.85
CA THR A 136 -1.40 2.28 19.03
C THR A 136 -1.19 0.97 18.27
N PHE A 137 -0.02 0.84 17.64
CA PHE A 137 0.33 -0.36 16.88
C PHE A 137 0.21 -1.59 17.78
N ASN A 138 0.82 -1.51 18.96
CA ASN A 138 0.81 -2.61 19.91
C ASN A 138 -0.60 -2.96 20.34
N GLU A 139 -1.42 -1.93 20.66
CA GLU A 139 -2.74 -2.17 21.20
C GLU A 139 -3.65 -2.86 20.17
N LYS A 140 -3.59 -2.41 18.91
CA LYS A 140 -4.46 -2.99 17.89
C LYS A 140 -4.00 -4.40 17.51
N ALA A 141 -2.67 -4.61 17.47
CA ALA A 141 -2.11 -5.92 17.18
C ALA A 141 -2.49 -6.91 18.28
N GLU A 142 -2.44 -6.44 19.53
CA GLU A 142 -2.79 -7.26 20.67
C GLU A 142 -4.26 -7.65 20.60
N GLN A 143 -5.11 -6.69 20.23
CA GLN A 143 -6.54 -6.95 20.12
C GLN A 143 -6.81 -8.01 19.05
N LEU A 144 -6.15 -7.87 17.89
CA LEU A 144 -6.29 -8.85 16.82
C LEU A 144 -5.91 -10.24 17.31
N VAL A 145 -4.73 -10.35 17.94
CA VAL A 145 -4.21 -11.64 18.38
C VAL A 145 -5.15 -12.30 19.38
N GLU A 146 -5.73 -11.51 20.28
CA GLU A 146 -6.65 -12.06 21.29
C GLU A 146 -7.91 -12.60 20.61
N ILE A 147 -8.40 -11.86 19.60
CA ILE A 147 -9.59 -12.29 18.86
C ILE A 147 -9.30 -13.61 18.16
N LEU A 148 -8.13 -13.72 17.54
CA LEU A 148 -7.73 -14.90 16.78
C LEU A 148 -7.49 -16.09 17.71
N GLU A 149 -6.87 -15.85 18.87
CA GLU A 149 -6.54 -16.91 19.82
C GLU A 149 -7.81 -17.64 20.25
N ALA A 150 -8.92 -16.90 20.40
CA ALA A 150 -10.18 -17.47 20.85
C ALA A 150 -10.78 -18.40 19.79
N LYS A 151 -10.30 -18.28 18.55
CA LYS A 151 -10.81 -19.07 17.43
C LYS A 151 -9.83 -20.17 17.03
N ALA A 152 -8.77 -20.35 17.82
CA ALA A 152 -7.64 -21.17 17.38
C ALA A 152 -7.87 -22.64 17.75
N ASP A 153 -8.90 -23.24 17.14
CA ASP A 153 -9.35 -24.59 17.44
C ASP A 153 -8.98 -25.55 16.31
N GLY A 154 -8.21 -25.06 15.33
CA GLY A 154 -7.74 -25.86 14.22
C GLY A 154 -8.85 -26.27 13.25
N GLN A 155 -9.99 -25.57 13.31
CA GLN A 155 -11.18 -26.03 12.60
C GLN A 155 -11.99 -24.85 12.06
N THR A 156 -12.13 -23.80 12.87
CA THR A 156 -12.91 -22.63 12.49
C THR A 156 -12.15 -21.86 11.42
N PRO A 157 -12.75 -21.68 10.21
CA PRO A 157 -12.10 -20.90 9.14
C PRO A 157 -12.15 -19.41 9.46
N VAL A 158 -11.00 -18.74 9.30
CA VAL A 158 -10.88 -17.32 9.59
C VAL A 158 -10.32 -16.63 8.36
N SER A 159 -11.01 -15.59 7.87
CA SER A 159 -10.48 -14.81 6.76
C SER A 159 -9.38 -13.87 7.27
N MET A 160 -8.13 -14.22 6.98
CA MET A 160 -7.03 -13.39 7.43
C MET A 160 -6.99 -12.08 6.64
N GLN A 161 -7.46 -12.10 5.38
CA GLN A 161 -7.53 -10.84 4.63
C GLN A 161 -8.47 -9.88 5.34
N ASP A 162 -9.66 -10.36 5.73
CA ASP A 162 -10.62 -9.50 6.41
C ASP A 162 -10.05 -9.00 7.73
N MET A 163 -9.49 -9.93 8.53
CA MET A 163 -9.06 -9.58 9.88
C MET A 163 -7.90 -8.58 9.83
N LEU A 164 -6.99 -8.76 8.87
CA LEU A 164 -5.85 -7.85 8.77
C LEU A 164 -6.28 -6.49 8.25
N THR A 165 -7.30 -6.47 7.39
CA THR A 165 -7.84 -5.21 6.87
C THR A 165 -8.50 -4.41 8.00
N TYR A 166 -9.24 -5.10 8.89
CA TYR A 166 -9.89 -4.45 10.01
C TYR A 166 -8.83 -3.87 10.95
N THR A 167 -7.74 -4.62 11.13
CA THR A 167 -6.67 -4.19 12.03
C THR A 167 -5.99 -2.95 11.46
N ALA A 168 -5.69 -2.99 10.16
CA ALA A 168 -5.04 -1.87 9.50
C ALA A 168 -5.92 -0.61 9.57
N MET A 169 -7.23 -0.79 9.38
CA MET A 169 -8.16 0.33 9.43
C MET A 169 -8.17 0.93 10.83
N ASP A 170 -8.28 0.06 11.84
CA ASP A 170 -8.36 0.50 13.23
C ASP A 170 -7.10 1.25 13.61
N ILE A 171 -5.94 0.73 13.20
CA ILE A 171 -4.66 1.39 13.46
C ILE A 171 -4.66 2.77 12.83
N LEU A 172 -5.01 2.85 11.53
CA LEU A 172 -4.89 4.12 10.82
C LEU A 172 -5.80 5.16 11.46
N ALA A 173 -7.04 4.79 11.74
CA ALA A 173 -8.04 5.72 12.22
C ALA A 173 -7.58 6.33 13.55
N LYS A 174 -7.00 5.49 14.42
CA LYS A 174 -6.55 5.94 15.73
C LYS A 174 -5.28 6.77 15.59
N ALA A 175 -4.29 6.21 14.88
CA ALA A 175 -2.97 6.83 14.74
C ALA A 175 -3.04 8.18 14.02
N ALA A 176 -3.83 8.23 12.93
CA ALA A 176 -3.84 9.41 12.06
C ALA A 176 -4.87 10.44 12.52
N PHE A 177 -6.01 9.97 13.06
CA PHE A 177 -7.15 10.85 13.26
C PHE A 177 -7.62 10.86 14.71
N GLY A 178 -7.05 9.99 15.56
CA GLY A 178 -7.45 9.86 16.95
C GLY A 178 -8.88 9.34 17.10
N MET A 179 -9.35 8.55 16.13
CA MET A 179 -10.71 8.05 16.16
C MET A 179 -10.71 6.52 16.25
N GLU A 180 -11.78 5.95 16.83
CA GLU A 180 -11.89 4.51 17.03
C GLU A 180 -12.94 3.94 16.07
N THR A 181 -12.48 3.29 15.00
CA THR A 181 -13.37 2.65 14.04
C THR A 181 -13.96 1.37 14.63
N SER A 182 -13.18 0.64 15.44
CA SER A 182 -13.57 -0.59 16.11
C SER A 182 -14.06 -1.65 15.13
N MET A 183 -13.43 -1.72 13.96
CA MET A 183 -13.80 -2.72 12.96
C MET A 183 -13.50 -4.12 13.49
N LEU A 184 -12.51 -4.24 14.39
CA LEU A 184 -12.17 -5.51 15.02
C LEU A 184 -13.28 -6.00 15.94
N LEU A 185 -14.16 -5.08 16.39
CA LEU A 185 -15.28 -5.43 17.24
C LEU A 185 -16.53 -5.65 16.40
N GLY A 186 -16.41 -5.51 15.07
CA GLY A 186 -17.50 -5.75 14.15
C GLY A 186 -18.31 -4.48 13.87
N ALA A 187 -17.77 -3.32 14.25
CA ALA A 187 -18.45 -2.05 14.05
C ALA A 187 -18.10 -1.47 12.67
N GLN A 188 -18.88 -0.48 12.25
CA GLN A 188 -18.65 0.32 11.06
C GLN A 188 -18.71 -0.53 9.78
N LYS A 189 -19.73 -1.40 9.68
CA LYS A 189 -19.96 -2.21 8.50
C LYS A 189 -20.30 -1.33 7.29
N PRO A 190 -21.11 -0.25 7.43
CA PRO A 190 -21.37 0.67 6.31
C PRO A 190 -20.08 1.28 5.75
N LEU A 191 -19.16 1.65 6.65
CA LEU A 191 -17.89 2.25 6.26
C LEU A 191 -17.06 1.24 5.46
N SER A 192 -17.13 -0.03 5.90
CA SER A 192 -16.46 -1.15 5.24
C SER A 192 -16.99 -1.34 3.83
N GLN A 193 -18.31 -1.23 3.68
CA GLN A 193 -18.99 -1.35 2.40
C GLN A 193 -18.59 -0.19 1.48
N ALA A 194 -18.52 1.03 2.06
CA ALA A 194 -18.22 2.24 1.31
C ALA A 194 -16.83 2.13 0.68
N VAL A 195 -15.86 1.65 1.46
CA VAL A 195 -14.49 1.51 0.97
C VAL A 195 -14.48 0.55 -0.23
N LYS A 196 -15.14 -0.60 -0.06
CA LYS A 196 -15.16 -1.65 -1.08
C LYS A 196 -15.72 -1.13 -2.40
N LEU A 197 -16.87 -0.45 -2.33
CA LEU A 197 -17.56 0.03 -3.52
C LEU A 197 -16.75 1.15 -4.18
N MET A 198 -16.08 1.96 -3.35
CA MET A 198 -15.25 3.05 -3.85
C MET A 198 -14.08 2.46 -4.64
N LEU A 199 -13.46 1.41 -4.09
CA LEU A 199 -12.34 0.73 -4.74
C LEU A 199 -12.80 0.11 -6.07
N GLU A 200 -14.00 -0.49 -6.08
CA GLU A 200 -14.60 -1.05 -7.28
C GLU A 200 -14.87 0.06 -8.30
N GLY A 201 -15.17 1.27 -7.80
CA GLY A 201 -15.47 2.41 -8.65
C GLY A 201 -14.22 2.91 -9.39
N ILE A 202 -13.09 2.98 -8.67
CA ILE A 202 -11.82 3.36 -9.26
C ILE A 202 -11.50 2.44 -10.43
N THR A 203 -11.65 1.12 -10.18
CA THR A 203 -11.29 0.07 -11.13
C THR A 203 -12.16 0.16 -12.38
N ALA A 204 -13.47 0.34 -12.18
CA ALA A 204 -14.43 0.44 -13.27
C ALA A 204 -14.13 1.65 -14.15
N SER A 205 -13.68 2.75 -13.51
CA SER A 205 -13.41 4.00 -14.21
C SER A 205 -12.21 3.86 -15.15
N ARG A 206 -11.15 3.19 -14.69
CA ARG A 206 -9.87 3.25 -15.38
C ARG A 206 -9.64 2.02 -16.26
N ASN A 207 -10.21 0.88 -15.89
CA ASN A 207 -10.14 -0.31 -16.74
C ASN A 207 -11.34 -1.22 -16.45
N LYS A 216 -25.46 -1.34 -13.86
CA LYS A 216 -24.95 -0.04 -14.38
C LYS A 216 -25.53 1.10 -13.54
N ARG A 217 -26.87 1.18 -13.53
CA ARG A 217 -27.61 2.23 -12.85
C ARG A 217 -27.40 2.12 -11.34
N LYS A 218 -27.49 0.89 -10.82
CA LYS A 218 -27.37 0.62 -9.40
C LYS A 218 -25.91 0.74 -8.95
N GLN A 219 -24.98 0.34 -9.83
CA GLN A 219 -23.57 0.35 -9.49
C GLN A 219 -23.09 1.79 -9.34
N LEU A 220 -23.52 2.65 -10.29
CA LEU A 220 -23.18 4.07 -10.25
C LEU A 220 -23.71 4.69 -8.96
N ARG A 221 -24.98 4.37 -8.62
CA ARG A 221 -25.63 4.89 -7.43
C ARG A 221 -24.81 4.51 -6.20
N GLU A 222 -24.40 3.24 -6.12
CA GLU A 222 -23.70 2.73 -4.95
C GLU A 222 -22.30 3.30 -4.85
N VAL A 223 -21.63 3.50 -5.98
CA VAL A 223 -20.27 4.03 -5.97
C VAL A 223 -20.30 5.49 -5.54
N ARG A 224 -21.17 6.28 -6.17
CA ARG A 224 -21.30 7.70 -5.89
C ARG A 224 -21.61 7.92 -4.41
N GLU A 225 -22.59 7.18 -3.87
CA GLU A 225 -23.00 7.36 -2.49
C GLU A 225 -21.86 6.98 -1.54
N SER A 226 -21.04 6.01 -1.94
CA SER A 226 -19.94 5.51 -1.14
C SER A 226 -18.85 6.58 -1.00
N ILE A 227 -18.56 7.26 -2.12
CA ILE A 227 -17.56 8.32 -2.14
C ILE A 227 -18.03 9.49 -1.27
N ARG A 228 -19.31 9.87 -1.42
CA ARG A 228 -19.88 10.95 -0.64
C ARG A 228 -19.83 10.62 0.84
N PHE A 229 -20.04 9.34 1.18
CA PHE A 229 -20.03 8.87 2.56
C PHE A 229 -18.66 9.07 3.17
N LEU A 230 -17.61 8.73 2.43
CA LEU A 230 -16.25 8.81 2.90
C LEU A 230 -15.87 10.28 3.15
N ARG A 231 -16.30 11.16 2.24
CA ARG A 231 -16.03 12.58 2.40
C ARG A 231 -16.80 13.13 3.60
N GLN A 232 -18.01 12.58 3.83
CA GLN A 232 -18.86 13.00 4.94
C GLN A 232 -18.23 12.58 6.28
N VAL A 233 -17.58 11.41 6.30
CA VAL A 233 -16.85 10.96 7.47
C VAL A 233 -15.76 11.98 7.79
N GLY A 234 -15.07 12.44 6.75
CA GLY A 234 -14.07 13.49 6.86
C GLY A 234 -14.64 14.77 7.49
N ARG A 235 -15.78 15.24 6.96
CA ARG A 235 -16.40 16.46 7.46
C ARG A 235 -16.75 16.30 8.94
N ASP A 236 -17.25 15.12 9.31
CA ASP A 236 -17.70 14.83 10.66
C ASP A 236 -16.50 14.84 11.61
N TRP A 237 -15.44 14.12 11.25
CA TRP A 237 -14.27 13.95 12.10
C TRP A 237 -13.49 15.26 12.22
N VAL A 238 -13.50 16.08 11.15
CA VAL A 238 -12.85 17.38 11.17
C VAL A 238 -13.61 18.34 12.10
N GLN A 239 -14.94 18.23 12.08
CA GLN A 239 -15.76 19.07 12.95
C GLN A 239 -15.48 18.69 14.41
N ARG A 240 -15.36 17.39 14.68
CA ARG A 240 -15.09 16.87 16.02
C ARG A 240 -13.75 17.38 16.54
N ARG A 241 -12.75 17.40 15.66
CA ARG A 241 -11.42 17.90 15.97
C ARG A 241 -11.49 19.38 16.33
N ARG A 242 -12.12 20.18 15.45
CA ARG A 242 -12.20 21.62 15.61
C ARG A 242 -12.97 21.99 16.88
N GLU A 243 -14.01 21.21 17.20
CA GLU A 243 -14.83 21.44 18.38
C GLU A 243 -14.04 21.10 19.66
N ALA A 244 -13.22 20.05 19.58
CA ALA A 244 -12.37 19.66 20.70
C ALA A 244 -11.36 20.77 20.99
N LEU A 245 -10.77 21.32 19.93
CA LEU A 245 -9.76 22.36 20.02
C LEU A 245 -10.35 23.63 20.63
N LYS A 246 -11.59 23.95 20.27
CA LYS A 246 -12.25 25.16 20.75
C LYS A 246 -12.62 25.04 22.22
N ARG A 247 -12.95 23.82 22.66
CA ARG A 247 -13.30 23.56 24.05
C ARG A 247 -12.04 23.46 24.91
N GLY A 248 -10.88 23.48 24.25
CA GLY A 248 -9.59 23.42 24.92
C GLY A 248 -9.33 22.04 25.54
N GLU A 249 -9.70 20.99 24.79
CA GLU A 249 -9.43 19.62 25.19
C GLU A 249 -8.05 19.24 24.67
N GLU A 250 -7.51 18.12 25.16
CA GLU A 250 -6.18 17.70 24.77
C GLU A 250 -6.27 16.94 23.44
N VAL A 251 -5.56 17.45 22.44
CA VAL A 251 -5.48 16.82 21.13
C VAL A 251 -4.02 16.51 20.82
N PRO A 252 -3.60 15.22 20.88
CA PRO A 252 -2.26 14.82 20.43
C PRO A 252 -2.04 15.14 18.95
N ALA A 253 -0.90 15.76 18.65
CA ALA A 253 -0.50 16.05 17.28
C ALA A 253 -0.45 14.75 16.48
N ASP A 254 -1.11 14.75 15.32
CA ASP A 254 -1.18 13.58 14.48
C ASP A 254 -1.15 14.02 13.01
N ILE A 255 -1.46 13.08 12.12
CA ILE A 255 -1.52 13.36 10.69
C ILE A 255 -2.58 14.43 10.42
N LEU A 256 -3.73 14.33 11.09
CA LEU A 256 -4.82 15.26 10.85
C LEU A 256 -4.38 16.69 11.19
N THR A 257 -3.59 16.82 12.27
CA THR A 257 -3.04 18.12 12.67
C THR A 257 -2.35 18.77 11.46
N GLN A 258 -1.51 18.00 10.76
CA GLN A 258 -0.70 18.55 9.68
C GLN A 258 -1.54 18.75 8.41
N ILE A 259 -2.53 17.88 8.21
CA ILE A 259 -3.47 17.99 7.11
C ILE A 259 -4.25 19.30 7.24
N LEU A 260 -4.60 19.67 8.47
CA LEU A 260 -5.26 20.93 8.78
C LEU A 260 -4.30 22.09 8.54
N LYS A 261 -3.05 21.93 9.00
CA LYS A 261 -2.04 22.97 8.95
C LYS A 261 -1.75 23.35 7.49
N ALA A 262 -1.85 22.37 6.59
CA ALA A 262 -1.56 22.59 5.18
C ALA A 262 -2.65 23.43 4.52
N GLU A 263 -3.83 23.50 5.15
CA GLU A 263 -5.00 24.16 4.60
C GLU A 263 -5.24 25.52 5.28
N GLU A 264 -4.26 26.01 6.05
CA GLU A 264 -4.45 27.10 7.01
C GLU A 264 -5.40 28.18 6.52
N GLY A 265 -5.12 28.77 5.35
CA GLY A 265 -5.87 29.93 4.91
C GLY A 265 -6.66 29.67 3.62
N ALA A 266 -7.02 28.41 3.38
CA ALA A 266 -7.72 28.00 2.19
C ALA A 266 -9.12 28.60 2.15
N GLN A 267 -9.69 28.70 0.94
CA GLN A 267 -10.99 29.33 0.73
C GLN A 267 -12.12 28.41 1.18
N ASP A 268 -11.90 27.09 1.06
CA ASP A 268 -12.87 26.10 1.52
C ASP A 268 -12.15 24.88 2.09
N ASP A 269 -12.92 23.85 2.43
CA ASP A 269 -12.39 22.67 3.09
C ASP A 269 -12.16 21.52 2.11
N GLU A 270 -12.23 21.80 0.80
CA GLU A 270 -12.18 20.72 -0.17
C GLU A 270 -10.78 20.10 -0.23
N GLY A 271 -9.75 20.93 -0.06
CA GLY A 271 -8.38 20.46 0.01
C GLY A 271 -8.14 19.59 1.24
N LEU A 272 -8.76 19.99 2.36
CA LEU A 272 -8.68 19.27 3.62
C LEU A 272 -9.33 17.90 3.47
N LEU A 273 -10.49 17.84 2.81
CA LEU A 273 -11.23 16.60 2.68
C LEU A 273 -10.53 15.68 1.68
N ASP A 274 -9.91 16.28 0.66
CA ASP A 274 -9.07 15.53 -0.27
C ASP A 274 -8.00 14.74 0.48
N ASN A 275 -7.29 15.41 1.40
CA ASN A 275 -6.23 14.74 2.14
C ASN A 275 -6.79 13.82 3.21
N PHE A 276 -7.94 14.19 3.79
CA PHE A 276 -8.55 13.28 4.75
C PHE A 276 -8.78 11.92 4.10
N VAL A 277 -9.44 11.92 2.94
CA VAL A 277 -9.83 10.69 2.28
C VAL A 277 -8.59 9.95 1.78
N THR A 278 -7.64 10.71 1.21
CA THR A 278 -6.37 10.15 0.75
C THR A 278 -5.72 9.34 1.86
N PHE A 279 -5.56 9.95 3.03
CA PHE A 279 -4.87 9.28 4.13
C PHE A 279 -5.74 8.19 4.73
N PHE A 280 -7.06 8.40 4.76
CA PHE A 280 -7.97 7.38 5.30
C PHE A 280 -7.81 6.06 4.52
N ILE A 281 -7.73 6.16 3.19
CA ILE A 281 -7.63 5.00 2.32
C ILE A 281 -6.18 4.54 2.20
N ALA A 282 -5.27 5.45 1.82
CA ALA A 282 -3.90 5.05 1.54
C ALA A 282 -3.23 4.51 2.80
N GLY A 283 -3.69 5.02 3.96
CA GLY A 283 -3.04 4.70 5.23
C GLY A 283 -3.41 3.32 5.80
N HIS A 284 -4.36 2.62 5.16
CA HIS A 284 -4.68 1.27 5.60
C HIS A 284 -4.68 0.25 4.45
N GLU A 285 -5.05 0.66 3.23
CA GLU A 285 -5.33 -0.30 2.17
C GLU A 285 -4.09 -1.11 1.80
N THR A 286 -2.98 -0.42 1.51
CA THR A 286 -1.77 -1.10 1.04
C THR A 286 -1.14 -1.91 2.17
N SER A 287 -1.21 -1.38 3.40
CA SER A 287 -0.69 -2.09 4.56
C SER A 287 -1.46 -3.41 4.77
N ALA A 288 -2.79 -3.34 4.62
CA ALA A 288 -3.66 -4.50 4.73
C ALA A 288 -3.31 -5.53 3.66
N ASN A 289 -3.14 -5.06 2.41
CA ASN A 289 -2.80 -5.90 1.28
C ASN A 289 -1.49 -6.64 1.58
N HIS A 290 -0.49 -5.88 2.05
CA HIS A 290 0.85 -6.38 2.34
C HIS A 290 0.81 -7.46 3.41
N LEU A 291 0.05 -7.20 4.48
CA LEU A 291 -0.14 -8.18 5.54
C LEU A 291 -0.79 -9.47 5.00
N ALA A 292 -1.85 -9.32 4.21
CA ALA A 292 -2.59 -10.47 3.66
C ALA A 292 -1.68 -11.31 2.77
N PHE A 293 -0.92 -10.65 1.89
CA PHE A 293 -0.01 -11.36 0.99
C PHE A 293 1.04 -12.14 1.78
N THR A 294 1.57 -11.51 2.84
CA THR A 294 2.63 -12.10 3.66
C THR A 294 2.10 -13.35 4.38
N VAL A 295 0.94 -13.24 5.02
CA VAL A 295 0.34 -14.39 5.69
C VAL A 295 0.04 -15.52 4.70
N MET A 296 -0.54 -15.15 3.55
CA MET A 296 -0.83 -16.09 2.48
C MET A 296 0.44 -16.83 2.05
N GLU A 297 1.51 -16.10 1.75
CA GLU A 297 2.72 -16.74 1.26
C GLU A 297 3.35 -17.61 2.34
N LEU A 298 3.37 -17.11 3.58
CA LEU A 298 4.03 -17.83 4.65
C LEU A 298 3.32 -19.16 4.96
N SER A 299 2.05 -19.28 4.56
CA SER A 299 1.30 -20.51 4.82
C SER A 299 1.91 -21.70 4.08
N ARG A 300 2.72 -21.43 3.04
CA ARG A 300 3.37 -22.52 2.32
C ARG A 300 4.89 -22.45 2.48
N GLN A 301 5.37 -21.77 3.53
CA GLN A 301 6.79 -21.65 3.79
C GLN A 301 7.08 -22.08 5.23
N PRO A 302 6.86 -23.36 5.59
CA PRO A 302 7.00 -23.78 6.98
C PRO A 302 8.38 -23.53 7.58
N GLU A 303 9.44 -23.70 6.79
CA GLU A 303 10.79 -23.53 7.30
C GLU A 303 11.05 -22.05 7.62
N ILE A 304 10.63 -21.16 6.72
CA ILE A 304 10.76 -19.72 6.97
C ILE A 304 9.92 -19.34 8.21
N VAL A 305 8.72 -19.91 8.33
CA VAL A 305 7.89 -19.59 9.48
C VAL A 305 8.59 -20.04 10.77
N ALA A 306 9.22 -21.22 10.77
CA ALA A 306 9.89 -21.71 11.96
C ALA A 306 11.03 -20.76 12.36
N ARG A 307 11.71 -20.20 11.35
CA ARG A 307 12.80 -19.28 11.60
C ARG A 307 12.30 -17.95 12.18
N LEU A 308 11.14 -17.49 11.67
CA LEU A 308 10.52 -16.26 12.14
C LEU A 308 10.03 -16.44 13.58
N GLN A 309 9.44 -17.60 13.87
CA GLN A 309 8.96 -17.91 15.20
C GLN A 309 10.13 -17.87 16.19
N ALA A 310 11.26 -18.47 15.79
CA ALA A 310 12.45 -18.54 16.61
C ALA A 310 12.98 -17.13 16.88
N GLU A 311 13.00 -16.27 15.85
CA GLU A 311 13.53 -14.93 15.97
C GLU A 311 12.71 -14.12 16.96
N VAL A 312 11.38 -14.16 16.79
CA VAL A 312 10.47 -13.46 17.68
C VAL A 312 10.67 -13.96 19.12
N ASP A 313 10.80 -15.28 19.29
CA ASP A 313 11.00 -15.86 20.62
C ASP A 313 12.26 -15.29 21.26
N GLU A 314 13.33 -15.10 20.47
CA GLU A 314 14.62 -14.71 20.99
C GLU A 314 14.68 -13.21 21.29
N VAL A 315 13.99 -12.40 20.47
CA VAL A 315 14.10 -10.95 20.58
C VAL A 315 13.13 -10.44 21.66
N ILE A 316 11.87 -10.86 21.60
CA ILE A 316 10.85 -10.25 22.46
C ILE A 316 10.40 -11.21 23.56
N GLY A 317 10.72 -12.50 23.41
CA GLY A 317 10.37 -13.50 24.40
C GLY A 317 8.86 -13.61 24.61
N SER A 318 8.41 -13.32 25.84
CA SER A 318 7.00 -13.41 26.18
C SER A 318 6.40 -12.01 26.42
N LYS A 319 7.22 -10.97 26.21
CA LYS A 319 6.76 -9.59 26.30
C LYS A 319 5.51 -9.40 25.45
N ARG A 320 4.53 -8.70 26.01
CA ARG A 320 3.27 -8.41 25.34
C ARG A 320 3.49 -7.28 24.34
N TYR A 321 4.42 -6.37 24.69
CA TYR A 321 4.62 -5.11 23.99
C TYR A 321 5.98 -5.10 23.29
N LEU A 322 5.99 -4.72 22.01
CA LEU A 322 7.21 -4.47 21.26
C LEU A 322 7.61 -3.01 21.39
N ASP A 323 8.85 -2.77 21.84
CA ASP A 323 9.42 -1.43 21.87
C ASP A 323 9.99 -1.12 20.49
N PHE A 324 10.26 0.17 20.24
CA PHE A 324 10.81 0.59 18.97
C PHE A 324 12.14 -0.11 18.69
N GLU A 325 12.97 -0.27 19.74
CA GLU A 325 14.30 -0.86 19.57
C GLU A 325 14.20 -2.34 19.21
N ASP A 326 13.09 -3.00 19.59
CA ASP A 326 12.88 -4.40 19.25
C ASP A 326 12.69 -4.57 17.74
N LEU A 327 12.13 -3.55 17.09
CA LEU A 327 11.78 -3.62 15.68
C LEU A 327 13.02 -3.84 14.83
N GLY A 328 14.10 -3.11 15.15
CA GLY A 328 15.35 -3.22 14.43
C GLY A 328 15.99 -4.61 14.59
N ARG A 329 15.67 -5.28 15.71
CA ARG A 329 16.30 -6.56 16.02
C ARG A 329 15.63 -7.71 15.26
N LEU A 330 14.44 -7.44 14.69
CA LEU A 330 13.71 -8.45 13.94
C LEU A 330 14.19 -8.45 12.49
N GLN A 331 15.48 -8.78 12.31
CA GLN A 331 16.17 -8.65 11.04
C GLN A 331 15.63 -9.61 9.99
N TYR A 332 15.38 -10.87 10.39
CA TYR A 332 14.90 -11.86 9.44
C TYR A 332 13.48 -11.52 9.01
N LEU A 333 12.65 -11.05 9.95
CA LEU A 333 11.31 -10.60 9.62
C LEU A 333 11.37 -9.46 8.60
N SER A 334 12.32 -8.53 8.77
CA SER A 334 12.46 -7.42 7.86
CA SER A 334 12.45 -7.41 7.86
CA SER A 334 12.49 -7.42 7.86
C SER A 334 12.74 -7.92 6.44
N GLN A 335 13.52 -9.00 6.34
CA GLN A 335 13.88 -9.55 5.04
C GLN A 335 12.69 -10.25 4.40
N VAL A 336 11.93 -10.97 5.22
CA VAL A 336 10.74 -11.66 4.72
C VAL A 336 9.75 -10.64 4.17
N LEU A 337 9.56 -9.53 4.88
CA LEU A 337 8.62 -8.51 4.46
C LEU A 337 9.09 -7.81 3.17
N LYS A 338 10.41 -7.61 3.02
CA LYS A 338 10.93 -7.07 1.77
C LYS A 338 10.67 -8.02 0.60
N GLU A 339 10.91 -9.32 0.82
CA GLU A 339 10.74 -10.32 -0.21
C GLU A 339 9.25 -10.44 -0.57
N SER A 340 8.38 -10.27 0.44
CA SER A 340 6.94 -10.24 0.19
C SER A 340 6.57 -9.11 -0.78
N LEU A 341 7.18 -7.94 -0.60
CA LEU A 341 6.88 -6.77 -1.43
C LEU A 341 7.51 -6.89 -2.82
N ARG A 342 8.54 -7.74 -2.97
CA ARG A 342 9.11 -7.97 -4.29
C ARG A 342 8.09 -8.70 -5.17
N LEU A 343 7.51 -9.78 -4.64
CA LEU A 343 6.59 -10.61 -5.41
C LEU A 343 5.17 -10.04 -5.40
N TYR A 344 4.80 -9.36 -4.31
CA TYR A 344 3.42 -8.93 -4.10
C TYR A 344 3.38 -7.47 -3.67
N PRO A 345 3.80 -6.52 -4.53
CA PRO A 345 3.67 -5.09 -4.21
C PRO A 345 2.21 -4.65 -4.36
N PRO A 346 1.54 -4.18 -3.27
CA PRO A 346 0.16 -3.71 -3.40
C PRO A 346 0.04 -2.56 -4.40
N ALA A 347 0.99 -1.62 -4.33
CA ALA A 347 1.06 -0.51 -5.27
C ALA A 347 2.09 -0.85 -6.34
N TRP A 348 1.61 -1.22 -7.52
CA TRP A 348 2.46 -1.91 -8.48
C TRP A 348 3.43 -0.95 -9.17
N GLY A 349 3.15 0.36 -9.11
CA GLY A 349 4.03 1.31 -9.76
C GLY A 349 3.47 2.73 -9.79
N THR A 350 3.88 3.49 -10.83
CA THR A 350 3.68 4.93 -10.85
C THR A 350 3.85 5.40 -12.29
N PHE A 351 3.40 6.63 -12.56
CA PHE A 351 3.52 7.20 -13.89
C PHE A 351 4.23 8.55 -13.83
N ARG A 352 5.06 8.82 -14.84
CA ARG A 352 5.65 10.15 -15.03
C ARG A 352 5.30 10.63 -16.43
N LEU A 353 5.15 11.95 -16.58
CA LEU A 353 4.90 12.52 -17.89
C LEU A 353 6.23 12.80 -18.60
N LEU A 354 6.40 12.21 -19.78
CA LEU A 354 7.50 12.61 -20.63
C LEU A 354 7.05 13.79 -21.48
N GLU A 355 7.69 14.94 -21.30
CA GLU A 355 7.24 16.16 -21.95
C GLU A 355 7.76 16.25 -23.38
N GLU A 356 9.04 15.93 -23.59
CA GLU A 356 9.65 16.11 -24.89
C GLU A 356 10.15 14.77 -25.43
N GLU A 357 10.15 14.64 -26.76
CA GLU A 357 10.62 13.43 -27.42
C GLU A 357 12.00 13.08 -26.89
N THR A 358 12.16 11.82 -26.46
CA THR A 358 13.37 11.35 -25.80
C THR A 358 13.68 9.93 -26.28
N LEU A 359 14.97 9.64 -26.44
CA LEU A 359 15.42 8.27 -26.70
C LEU A 359 15.51 7.55 -25.35
N ILE A 360 14.73 6.46 -25.21
CA ILE A 360 14.75 5.65 -24.02
C ILE A 360 15.17 4.23 -24.43
N ASP A 361 16.36 3.82 -24.01
CA ASP A 361 16.90 2.49 -24.30
C ASP A 361 16.77 2.16 -25.78
N GLY A 362 17.18 3.10 -26.65
CA GLY A 362 17.23 2.88 -28.09
C GLY A 362 15.88 3.03 -28.79
N VAL A 363 14.85 3.47 -28.04
CA VAL A 363 13.52 3.64 -28.58
C VAL A 363 13.16 5.13 -28.53
N ARG A 364 12.67 5.63 -29.67
CA ARG A 364 12.19 7.00 -29.79
C ARG A 364 10.80 7.10 -29.17
N VAL A 365 10.68 7.80 -28.04
CA VAL A 365 9.40 7.98 -27.38
C VAL A 365 8.92 9.41 -27.57
N PRO A 366 7.77 9.63 -28.25
CA PRO A 366 7.26 10.97 -28.51
C PRO A 366 6.97 11.77 -27.25
N GLY A 367 7.04 13.10 -27.39
CA GLY A 367 6.67 14.01 -26.31
C GLY A 367 5.20 13.85 -25.93
N ASN A 368 4.91 14.15 -24.65
CA ASN A 368 3.59 14.06 -24.06
C ASN A 368 3.13 12.61 -24.05
N THR A 369 3.86 11.79 -23.31
CA THR A 369 3.62 10.37 -23.20
C THR A 369 3.71 9.96 -21.73
N PRO A 370 2.72 9.19 -21.22
CA PRO A 370 2.82 8.63 -19.87
C PRO A 370 3.82 7.48 -19.85
N LEU A 371 4.83 7.57 -18.97
CA LEU A 371 5.75 6.47 -18.74
C LEU A 371 5.26 5.69 -17.52
N LEU A 372 5.16 4.37 -17.67
CA LEU A 372 4.72 3.48 -16.60
C LEU A 372 5.93 2.73 -16.04
N PHE A 373 6.10 2.83 -14.72
CA PHE A 373 7.14 2.12 -13.99
C PHE A 373 6.47 1.09 -13.10
N SER A 374 6.93 -0.16 -13.16
CA SER A 374 6.27 -1.21 -12.40
C SER A 374 7.28 -2.08 -11.65
N THR A 375 7.24 -1.99 -10.31
CA THR A 375 8.04 -2.84 -9.43
C THR A 375 7.54 -4.28 -9.48
N TYR A 376 6.24 -4.46 -9.79
CA TYR A 376 5.67 -5.79 -10.00
C TYR A 376 6.35 -6.49 -11.16
N VAL A 377 6.38 -5.84 -12.32
CA VAL A 377 6.96 -6.40 -13.53
C VAL A 377 8.44 -6.71 -13.28
N MET A 378 9.18 -5.71 -12.80
CA MET A 378 10.63 -5.85 -12.67
C MET A 378 10.97 -6.93 -11.64
N GLY A 379 10.13 -7.06 -10.60
CA GLY A 379 10.34 -8.06 -9.57
C GLY A 379 10.25 -9.49 -10.09
N ARG A 380 9.58 -9.69 -11.23
CA ARG A 380 9.32 -11.03 -11.74
C ARG A 380 10.09 -11.33 -13.02
N MET A 381 11.06 -10.45 -13.34
CA MET A 381 11.88 -10.62 -14.53
C MET A 381 13.21 -11.26 -14.15
N ASP A 382 13.53 -12.37 -14.82
CA ASP A 382 14.74 -13.13 -14.53
C ASP A 382 15.99 -12.30 -14.83
N THR A 383 15.86 -11.27 -15.69
CA THR A 383 16.97 -10.39 -16.00
CA THR A 383 16.94 -10.36 -16.01
C THR A 383 17.40 -9.62 -14.75
N TYR A 384 16.47 -9.44 -13.80
CA TYR A 384 16.74 -8.62 -12.62
C TYR A 384 16.84 -9.49 -11.36
N PHE A 385 16.09 -10.59 -11.32
CA PHE A 385 16.11 -11.45 -10.14
C PHE A 385 16.19 -12.92 -10.57
N GLU A 386 17.28 -13.58 -10.16
CA GLU A 386 17.46 -15.00 -10.44
C GLU A 386 16.32 -15.79 -9.79
N ASP A 387 15.77 -16.75 -10.55
CA ASP A 387 14.63 -17.56 -10.11
C ASP A 387 13.57 -16.67 -9.49
N PRO A 388 12.97 -15.75 -10.26
CA PRO A 388 12.16 -14.67 -9.67
C PRO A 388 10.92 -15.14 -8.90
N LEU A 389 10.41 -16.33 -9.22
CA LEU A 389 9.20 -16.82 -8.57
C LEU A 389 9.52 -17.53 -7.25
N THR A 390 10.80 -17.69 -6.93
CA THR A 390 11.17 -18.29 -5.66
C THR A 390 11.12 -17.24 -4.56
N PHE A 391 10.42 -17.55 -3.46
CA PHE A 391 10.39 -16.69 -2.30
C PHE A 391 11.64 -16.93 -1.46
N ASN A 392 12.59 -16.00 -1.50
CA ASN A 392 13.87 -16.19 -0.83
C ASN A 392 14.25 -14.94 -0.05
N PRO A 393 13.99 -14.89 1.28
CA PRO A 393 14.34 -13.74 2.10
C PRO A 393 15.83 -13.39 2.11
N ASP A 394 16.69 -14.37 1.73
CA ASP A 394 18.13 -14.18 1.74
C ASP A 394 18.58 -13.15 0.69
N ARG A 395 17.70 -12.85 -0.28
CA ARG A 395 17.98 -11.81 -1.27
C ARG A 395 18.24 -10.48 -0.57
N PHE A 396 17.65 -10.31 0.63
CA PHE A 396 17.76 -9.06 1.37
C PHE A 396 18.68 -9.21 2.59
N GLY A 397 19.49 -10.27 2.61
CA GLY A 397 20.44 -10.51 3.68
C GLY A 397 21.53 -9.43 3.74
N PRO A 398 22.18 -9.23 4.92
CA PRO A 398 23.18 -8.18 5.08
C PRO A 398 24.30 -8.24 4.05
N GLY A 399 24.71 -9.46 3.67
CA GLY A 399 25.84 -9.63 2.77
C GLY A 399 25.46 -9.50 1.29
N ALA A 400 24.15 -9.56 1.00
CA ALA A 400 23.66 -9.66 -0.37
C ALA A 400 23.74 -8.32 -1.09
N PRO A 401 24.09 -8.30 -2.40
CA PRO A 401 24.05 -7.08 -3.20
C PRO A 401 22.63 -6.53 -3.27
N LYS A 402 22.48 -5.25 -2.94
CA LYS A 402 21.18 -4.60 -2.88
C LYS A 402 20.69 -4.36 -4.30
N PRO A 403 19.39 -4.63 -4.60
CA PRO A 403 18.85 -4.33 -5.93
C PRO A 403 19.07 -2.86 -6.29
N ARG A 404 19.53 -2.63 -7.52
CA ARG A 404 19.83 -1.28 -7.98
C ARG A 404 18.77 -0.85 -8.99
N PHE A 405 17.73 -0.16 -8.48
CA PHE A 405 16.67 0.42 -9.29
C PHE A 405 15.83 -0.66 -9.97
N THR A 406 15.70 -1.82 -9.31
CA THR A 406 14.88 -2.91 -9.84
C THR A 406 13.78 -3.29 -8.85
N TYR A 407 13.73 -2.59 -7.71
CA TYR A 407 12.83 -2.92 -6.61
C TYR A 407 12.41 -1.64 -5.92
N PHE A 408 11.12 -1.32 -5.96
CA PHE A 408 10.63 -0.06 -5.44
C PHE A 408 9.15 -0.17 -5.02
N PRO A 409 8.83 -0.98 -3.98
CA PRO A 409 7.44 -1.13 -3.55
C PRO A 409 6.87 0.12 -2.88
N PHE A 410 7.75 1.07 -2.53
CA PHE A 410 7.31 2.35 -2.01
C PHE A 410 7.68 3.47 -2.98
N SER A 411 7.99 3.10 -4.22
CA SER A 411 8.51 3.99 -5.25
C SER A 411 9.84 4.60 -4.80
N LEU A 412 10.32 5.58 -5.56
CA LEU A 412 11.62 6.20 -5.35
C LEU A 412 11.52 7.68 -5.64
N GLY A 413 12.46 8.47 -5.09
CA GLY A 413 12.56 9.87 -5.44
C GLY A 413 11.57 10.70 -4.63
N HIS A 414 11.31 11.93 -5.11
CA HIS A 414 10.54 12.91 -4.35
C HIS A 414 9.12 12.43 -4.12
N ARG A 415 8.59 11.61 -5.04
CA ARG A 415 7.21 11.12 -4.90
C ARG A 415 7.17 9.71 -4.30
N SER A 416 8.17 9.36 -3.48
CA SER A 416 8.08 8.09 -2.77
C SER A 416 7.07 8.17 -1.64
N CYS A 417 6.66 6.99 -1.13
CA CYS A 417 5.61 6.89 -0.12
C CYS A 417 5.99 7.63 1.16
N ILE A 418 5.17 8.62 1.56
CA ILE A 418 5.40 9.37 2.79
C ILE A 418 5.22 8.44 3.99
N GLY A 419 4.41 7.38 3.81
CA GLY A 419 4.05 6.51 4.92
C GLY A 419 4.90 5.24 5.01
N GLN A 420 6.05 5.22 4.31
CA GLN A 420 6.87 4.02 4.23
C GLN A 420 7.26 3.51 5.62
N GLN A 421 7.79 4.39 6.46
CA GLN A 421 8.30 3.98 7.76
C GLN A 421 7.14 3.65 8.70
N PHE A 422 6.04 4.41 8.58
CA PHE A 422 4.81 4.13 9.30
C PHE A 422 4.37 2.69 8.99
N ALA A 423 4.29 2.36 7.69
CA ALA A 423 3.84 1.06 7.25
C ALA A 423 4.77 -0.05 7.74
N GLN A 424 6.09 0.20 7.62
CA GLN A 424 7.07 -0.83 7.95
C GLN A 424 6.97 -1.15 9.44
N MET A 425 6.75 -0.11 10.26
CA MET A 425 6.64 -0.31 11.70
C MET A 425 5.36 -1.08 12.05
N GLU A 426 4.22 -0.66 11.49
CA GLU A 426 2.95 -1.25 11.91
C GLU A 426 2.88 -2.71 11.46
N VAL A 427 3.41 -3.02 10.27
CA VAL A 427 3.33 -4.37 9.76
CA VAL A 427 3.34 -4.37 9.74
C VAL A 427 4.24 -5.29 10.57
N LYS A 428 5.40 -4.77 11.00
CA LYS A 428 6.31 -5.58 11.81
C LYS A 428 5.68 -5.89 13.17
N VAL A 429 5.01 -4.89 13.76
CA VAL A 429 4.34 -5.10 15.05
C VAL A 429 3.27 -6.18 14.88
N VAL A 430 2.44 -6.06 13.83
CA VAL A 430 1.36 -7.02 13.62
C VAL A 430 1.93 -8.43 13.39
N MET A 431 2.91 -8.55 12.48
CA MET A 431 3.44 -9.85 12.12
C MET A 431 4.12 -10.51 13.32
N ALA A 432 4.90 -9.72 14.08
CA ALA A 432 5.63 -10.26 15.21
C ALA A 432 4.67 -10.87 16.24
N LYS A 433 3.55 -10.19 16.48
CA LYS A 433 2.62 -10.66 17.49
C LYS A 433 1.88 -11.90 17.01
N LEU A 434 1.59 -11.99 15.71
CA LEU A 434 0.98 -13.19 15.16
C LEU A 434 1.93 -14.37 15.32
N LEU A 435 3.20 -14.15 15.00
CA LEU A 435 4.22 -15.19 15.00
C LEU A 435 4.53 -15.64 16.43
N GLN A 436 4.34 -14.73 17.39
CA GLN A 436 4.59 -15.01 18.79
C GLN A 436 3.56 -16.01 19.32
N ARG A 437 2.34 -15.95 18.80
CA ARG A 437 1.20 -16.48 19.52
C ARG A 437 0.47 -17.59 18.76
N LEU A 438 0.55 -17.59 17.42
CA LEU A 438 -0.35 -18.44 16.64
C LEU A 438 0.37 -19.18 15.53
N GLU A 439 -0.21 -20.33 15.14
CA GLU A 439 0.14 -21.09 13.94
C GLU A 439 -1.05 -21.06 13.00
N PHE A 440 -0.77 -20.83 11.70
CA PHE A 440 -1.81 -20.72 10.68
C PHE A 440 -1.63 -21.80 9.63
N ARG A 441 -2.75 -22.40 9.22
CA ARG A 441 -2.78 -23.32 8.09
C ARG A 441 -3.82 -22.81 7.10
N LEU A 442 -3.40 -22.64 5.84
CA LEU A 442 -4.31 -22.19 4.80
C LEU A 442 -5.31 -23.31 4.51
N VAL A 443 -6.61 -22.96 4.45
CA VAL A 443 -7.64 -23.94 4.19
C VAL A 443 -7.44 -24.47 2.76
N PRO A 444 -7.40 -25.81 2.54
CA PRO A 444 -7.24 -26.34 1.19
C PRO A 444 -8.31 -25.84 0.21
N GLY A 445 -7.85 -25.50 -0.99
CA GLY A 445 -8.72 -24.88 -1.98
C GLY A 445 -8.45 -23.37 -2.10
N GLN A 446 -7.89 -22.78 -1.04
CA GLN A 446 -7.54 -21.37 -1.07
C GLN A 446 -6.41 -21.14 -2.09
N ARG A 447 -6.52 -20.05 -2.84
CA ARG A 447 -5.62 -19.78 -3.93
C ARG A 447 -4.57 -18.75 -3.51
N PHE A 448 -3.49 -18.68 -4.32
CA PHE A 448 -2.39 -17.76 -4.11
C PHE A 448 -2.42 -16.67 -5.19
N GLY A 449 -3.50 -16.68 -5.98
CA GLY A 449 -3.67 -15.75 -7.10
C GLY A 449 -3.97 -14.33 -6.62
N LEU A 450 -3.80 -13.38 -7.55
CA LEU A 450 -3.96 -11.97 -7.25
C LEU A 450 -5.24 -11.43 -7.87
N GLN A 451 -5.74 -10.33 -7.30
CA GLN A 451 -6.72 -9.50 -7.98
C GLN A 451 -6.22 -8.07 -7.98
N GLU A 452 -6.62 -7.29 -8.99
CA GLU A 452 -6.34 -5.86 -9.03
C GLU A 452 -7.64 -5.10 -8.76
N GLN A 453 -7.67 -4.37 -7.65
CA GLN A 453 -8.82 -3.58 -7.25
C GLN A 453 -8.30 -2.20 -6.80
N ALA A 454 -7.69 -1.51 -7.76
CA ALA A 454 -6.98 -0.24 -7.58
C ALA A 454 -5.57 -0.50 -7.05
N THR A 455 -5.44 -1.44 -6.11
CA THR A 455 -4.16 -2.00 -5.68
C THR A 455 -4.23 -3.51 -5.88
N LEU A 456 -3.08 -4.18 -5.77
CA LEU A 456 -3.05 -5.64 -5.86
C LEU A 456 -3.30 -6.21 -4.47
N LYS A 457 -4.05 -7.31 -4.42
CA LYS A 457 -4.35 -7.99 -3.17
C LYS A 457 -4.66 -9.45 -3.47
N PRO A 458 -4.62 -10.36 -2.47
CA PRO A 458 -5.04 -11.74 -2.71
C PRO A 458 -6.45 -11.83 -3.27
N LEU A 459 -6.61 -12.69 -4.28
CA LEU A 459 -7.90 -12.98 -4.89
C LEU A 459 -8.85 -13.60 -3.86
N ASP A 460 -8.31 -14.48 -3.02
CA ASP A 460 -9.11 -15.22 -2.05
C ASP A 460 -8.98 -14.55 -0.68
N PRO A 461 -9.89 -14.87 0.27
CA PRO A 461 -9.88 -14.25 1.60
C PRO A 461 -8.77 -14.68 2.56
N VAL A 462 -7.83 -15.51 2.07
CA VAL A 462 -6.75 -16.04 2.90
C VAL A 462 -7.37 -16.73 4.11
N LEU A 463 -8.27 -17.67 3.82
CA LEU A 463 -8.97 -18.46 4.84
C LEU A 463 -7.99 -19.43 5.49
N CYS A 464 -7.87 -19.33 6.83
CA CYS A 464 -6.94 -20.17 7.58
C CYS A 464 -7.64 -20.79 8.78
N THR A 465 -7.13 -21.95 9.21
CA THR A 465 -7.39 -22.41 10.56
C THR A 465 -6.17 -22.10 11.44
N LEU A 466 -6.40 -22.02 12.75
CA LEU A 466 -5.41 -21.46 13.66
C LEU A 466 -5.24 -22.39 14.85
N ARG A 467 -4.02 -22.44 15.39
CA ARG A 467 -3.76 -23.09 16.67
C ARG A 467 -2.85 -22.18 17.49
N PRO A 468 -2.90 -22.23 18.84
CA PRO A 468 -1.93 -21.48 19.65
C PRO A 468 -0.56 -22.11 19.45
N ARG A 469 0.49 -21.29 19.50
CA ARG A 469 1.84 -21.83 19.41
C ARG A 469 2.11 -22.74 20.60
N GLY A 470 2.84 -23.83 20.32
CA GLY A 470 3.09 -24.88 21.28
C GLY A 470 2.27 -26.13 20.97
N TRP A 471 0.97 -25.91 20.70
CA TRP A 471 -0.03 -26.96 20.54
C TRP A 471 0.62 -28.29 20.12
CHA HEM B . 2.73 7.04 -2.07
CHB HEM B . 3.23 2.23 -1.55
CHC HEM B . 1.65 2.60 3.07
CHD HEM B . 0.36 7.18 2.18
C1A HEM B . 3.01 5.70 -2.32
C2A HEM B . 3.52 5.19 -3.53
C3A HEM B . 3.67 3.84 -3.38
C4A HEM B . 3.25 3.51 -2.08
CMA HEM B . 4.19 2.83 -4.38
CAA HEM B . 3.82 5.99 -4.78
CBA HEM B . 2.47 6.12 -5.51
CGA HEM B . 2.51 6.87 -6.82
O1A HEM B . 1.42 7.09 -7.42
O2A HEM B . 3.58 7.24 -7.33
C1B HEM B . 2.87 1.93 -0.22
C2B HEM B . 2.94 0.63 0.33
C3B HEM B . 2.50 0.69 1.64
C4B HEM B . 2.14 2.12 1.85
CMB HEM B . 3.42 -0.62 -0.38
CAB HEM B . 2.36 -0.37 2.67
CBB HEM B . 3.10 -1.48 2.72
C1C HEM B . 1.22 3.90 3.27
C2C HEM B . 0.81 4.46 4.48
C3C HEM B . 0.44 5.79 4.23
C4C HEM B . 0.64 6.00 2.83
CMC HEM B . 0.79 3.73 5.81
CAC HEM B . -0.06 6.83 5.14
CBC HEM B . -0.18 6.68 6.46
C1D HEM B . 0.94 7.47 0.94
C2D HEM B . 0.84 8.83 0.38
C3D HEM B . 1.51 8.81 -0.80
C4D HEM B . 2.02 7.42 -0.94
CMD HEM B . 0.14 10.02 0.99
CAD HEM B . 1.73 9.98 -1.73
CBD HEM B . 3.12 10.55 -1.35
CGD HEM B . 3.54 11.74 -2.20
O1D HEM B . 4.10 12.74 -1.67
O2D HEM B . 3.35 11.72 -3.43
NA HEM B . 2.84 4.64 -1.44
NB HEM B . 2.38 2.78 0.70
NC HEM B . 1.13 4.84 2.27
ND HEM B . 1.64 6.65 0.12
FE HEM B . 2.05 4.80 0.39
C5 A1BZC C . -4.59 3.56 -3.83
C6 A1BZC C . -4.18 3.86 -5.11
C7 A1BZC C . -2.85 4.21 -5.37
C10 A1BZC C . -0.60 4.68 -4.85
C13 A1BZC C . -3.70 3.63 -2.78
C15 A1BZC C . -0.19 4.52 -1.76
C17 A1BZC C . -0.70 3.81 0.21
C21 A1BZC C . -2.20 4.77 -9.11
C22 A1BZC C . -2.44 5.50 -10.37
F1 A1BZC C . -6.13 2.24 -2.58
C2 A1BZC C . -6.03 3.18 -3.55
F3 A1BZC C . -6.73 4.26 -3.08
F4 A1BZC C . -6.68 2.69 -4.65
N8 A1BZC C . -2.23 4.54 -6.61
C9 A1BZC C . -0.85 4.98 -6.34
C11 A1BZC C . -1.96 4.27 -4.31
C12 A1BZC C . -2.36 3.99 -3.00
C14 A1BZC C . -1.45 4.04 -1.84
N16 A1BZC C . 0.25 4.36 -0.49
O18 A1BZC C . -1.75 3.60 -0.59
C19 A1BZC C . -2.84 4.45 -7.83
O20 A1BZC C . -3.98 4.06 -7.99
C23 A1BZC C . -1.77 4.12 -10.37
C1 EDO D . -1.56 1.07 -8.07
O1 EDO D . -1.42 -0.14 -7.36
C2 EDO D . -0.58 2.07 -7.62
O2 EDO D . 0.78 1.75 -7.79
#